data_1PJ8
#
_entry.id   1PJ8
#
_cell.length_a   68.280
_cell.length_b   68.280
_cell.length_c   107.870
_cell.angle_alpha   90.00
_cell.angle_beta   90.00
_cell.angle_gamma   90.00
#
_symmetry.space_group_name_H-M   'P 43 21 2'
#
loop_
_entity.id
_entity.type
_entity.pdbx_description
1 polymer 'Proteinase K'
2 polymer '6-residue peptide (N-Ac-PAPFPA-NH2)'
3 non-polymer 'MERCURY (II) ION'
4 water water
#
loop_
_entity_poly.entity_id
_entity_poly.type
_entity_poly.pdbx_seq_one_letter_code
_entity_poly.pdbx_strand_id
1 'polypeptide(L)'
;AAQTNAPWGLARISSTSPGTSTYYYDESAGQGSCVYVIDTGIEASHPEFEGRAQMVKTYYYSSRDGNGHGTHCAGTVGSR
TYGVAKKTQLFGVKVLDDNGSGQYSTIIAGMDFVASDKNNRNCPKGVVASLSLGGGYSSSVNSAAARLQSSGVMVAVAAG
NNNADARNYSPASEPSVCTVGASDRYDRRSSFSNYGSVLDIFGPGTSILSTWIGGSTRSISGTSMATPHVAGLAAYLMTL
GKTTAASACRYIADTANKGDLSNIPFGTVNLLAYNNYQA
;
A
2 'polypeptide(L)' PAPFPA(NH2) I
#
# COMPACT_ATOMS: atom_id res chain seq x y z
N ALA A 1 -1.15 21.30 5.51
CA ALA A 1 -0.98 20.78 6.91
C ALA A 1 0.38 20.12 7.03
N ALA A 2 0.88 20.06 8.26
CA ALA A 2 2.12 19.38 8.56
C ALA A 2 1.99 18.52 9.81
N GLN A 3 2.67 17.38 9.80
CA GLN A 3 2.71 16.50 10.95
C GLN A 3 4.17 16.44 11.33
N THR A 4 4.41 16.92 12.52
CA THR A 4 5.72 17.11 13.07
C THR A 4 6.17 15.77 13.74
N ASN A 5 7.47 15.43 13.76
CA ASN A 5 7.93 14.11 14.27
C ASN A 5 7.08 12.98 13.72
N ALA A 6 6.87 13.03 12.40
CA ALA A 6 6.09 12.00 11.72
C ALA A 6 6.99 10.78 11.58
N PRO A 7 6.45 9.60 11.37
CA PRO A 7 7.31 8.46 10.99
C PRO A 7 8.08 8.83 9.71
N TRP A 8 9.32 8.36 9.61
CA TRP A 8 10.23 8.77 8.55
C TRP A 8 9.65 8.56 7.14
N GLY A 9 8.95 7.46 6.94
CA GLY A 9 8.36 7.16 5.64
C GLY A 9 7.37 8.20 5.20
N LEU A 10 6.60 8.75 6.16
CA LEU A 10 5.61 9.79 5.89
C LEU A 10 6.35 11.09 5.50
N ALA A 11 7.41 11.42 6.24
CA ALA A 11 8.21 12.61 5.92
C ALA A 11 8.89 12.43 4.57
N ARG A 12 9.38 11.23 4.29
CA ARG A 12 10.12 11.00 3.04
C ARG A 12 9.28 11.34 1.83
N ILE A 13 8.03 10.94 1.91
CA ILE A 13 7.07 11.04 0.84
C ILE A 13 6.59 12.46 0.53
N SER A 14 6.81 13.42 1.41
CA SER A 14 6.50 14.83 1.13
C SER A 14 7.80 15.67 1.13
N SER A 15 8.93 15.01 0.94
CA SER A 15 10.24 15.64 0.86
C SER A 15 11.01 15.20 -0.37
N THR A 16 11.84 16.11 -0.82
CA THR A 16 12.63 15.92 -1.99
C THR A 16 14.01 15.34 -1.54
N SER A 17 14.25 15.36 -0.25
CA SER A 17 15.49 14.84 0.34
C SER A 17 15.20 13.99 1.57
N PRO A 18 16.08 13.03 1.83
CA PRO A 18 15.91 12.16 3.01
C PRO A 18 16.28 12.94 4.25
N GLY A 19 15.93 12.44 5.43
CA GLY A 19 16.32 13.09 6.69
C GLY A 19 15.37 14.09 7.32
N THR A 20 14.24 14.35 6.70
CA THR A 20 13.32 15.31 7.32
C THR A 20 12.38 14.55 8.28
N SER A 21 11.63 15.25 9.12
CA SER A 21 10.73 14.57 10.06
C SER A 21 9.31 15.07 10.08
N THR A 22 9.01 16.06 9.27
CA THR A 22 7.65 16.57 9.17
C THR A 22 7.00 16.03 7.92
N TYR A 23 5.73 15.64 8.03
CA TYR A 23 4.99 15.18 6.89
C TYR A 23 4.07 16.35 6.49
N TYR A 24 4.22 16.89 5.26
CA TYR A 24 3.37 18.01 4.83
C TYR A 24 2.42 17.43 3.80
N TYR A 25 1.14 17.71 3.97
CA TYR A 25 0.13 17.18 3.08
C TYR A 25 -1.00 18.14 3.10
N ASP A 26 -1.86 18.00 2.10
CA ASP A 26 -3.04 18.77 1.97
C ASP A 26 -4.10 18.26 2.91
N GLU A 27 -4.79 19.19 3.57
CA GLU A 27 -5.84 18.88 4.54
C GLU A 27 -6.96 17.93 4.04
N SER A 28 -7.27 17.92 2.74
CA SER A 28 -8.30 17.05 2.20
C SER A 28 -8.03 15.59 2.64
N ALA A 29 -6.75 15.25 2.72
CA ALA A 29 -6.30 13.99 3.27
C ALA A 29 -7.01 12.72 2.78
N GLY A 30 -7.37 12.63 1.52
CA GLY A 30 -8.00 11.44 1.02
C GLY A 30 -9.46 11.29 1.32
N GLN A 31 -10.10 12.28 1.90
CA GLN A 31 -11.54 12.07 2.14
C GLN A 31 -12.34 11.99 0.83
N GLY A 32 -13.31 11.12 0.79
CA GLY A 32 -14.09 10.90 -0.42
C GLY A 32 -13.59 9.67 -1.16
N SER A 33 -12.35 9.24 -0.86
CA SER A 33 -11.79 8.03 -1.48
C SER A 33 -11.92 6.83 -0.56
N CYS A 34 -11.73 5.65 -1.14
CA CYS A 34 -11.86 4.41 -0.38
C CYS A 34 -10.72 3.52 -0.73
N VAL A 35 -10.16 2.83 0.26
CA VAL A 35 -9.05 1.92 0.05
C VAL A 35 -9.42 0.58 0.64
N TYR A 36 -9.43 -0.46 -0.18
CA TYR A 36 -9.64 -1.80 0.33
C TYR A 36 -8.28 -2.36 0.73
N VAL A 37 -8.17 -2.90 1.93
CA VAL A 37 -6.92 -3.48 2.39
C VAL A 37 -7.14 -4.99 2.36
N ILE A 38 -6.50 -5.62 1.41
CA ILE A 38 -6.69 -7.05 1.19
C ILE A 38 -5.54 -7.73 1.87
N ASP A 39 -5.83 -8.32 3.02
CA ASP A 39 -4.78 -8.80 3.91
C ASP A 39 -5.31 -9.76 5.02
N THR A 40 -4.81 -9.62 6.25
CA THR A 40 -5.20 -10.48 7.41
C THR A 40 -6.39 -9.93 8.19
N GLY A 41 -6.92 -8.80 7.72
CA GLY A 41 -8.03 -8.14 8.38
C GLY A 41 -7.54 -6.84 9.00
N ILE A 42 -8.41 -6.14 9.68
CA ILE A 42 -8.02 -4.88 10.28
C ILE A 42 -8.66 -4.82 11.64
N GLU A 43 -7.96 -4.29 12.64
CA GLU A 43 -8.58 -4.13 13.95
C GLU A 43 -9.32 -2.79 13.92
N ALA A 44 -10.56 -2.84 13.44
CA ALA A 44 -11.34 -1.63 13.16
C ALA A 44 -11.53 -0.72 14.35
N SER A 45 -11.50 -1.28 15.56
CA SER A 45 -11.75 -0.54 16.78
C SER A 45 -10.52 0.19 17.29
N HIS A 46 -9.39 0.03 16.58
CA HIS A 46 -8.18 0.75 16.99
C HIS A 46 -8.48 2.25 16.90
N PRO A 47 -8.28 3.00 17.97
CA PRO A 47 -8.55 4.46 17.98
C PRO A 47 -7.94 5.25 16.84
N GLU A 48 -6.79 4.81 16.30
CA GLU A 48 -6.10 5.52 15.22
C GLU A 48 -6.93 5.49 13.95
N PHE A 49 -7.93 4.63 13.89
CA PHE A 49 -8.80 4.55 12.72
C PHE A 49 -9.99 5.50 12.85
N GLU A 50 -10.23 5.99 14.06
CA GLU A 50 -11.26 6.99 14.30
C GLU A 50 -12.60 6.55 13.74
N GLY A 51 -12.83 5.25 13.64
CA GLY A 51 -14.09 4.77 13.11
C GLY A 51 -14.17 4.82 11.59
N ARG A 52 -13.09 5.11 10.89
CA ARG A 52 -13.11 5.16 9.44
C ARG A 52 -12.79 3.83 8.78
N ALA A 53 -12.69 2.78 9.59
CA ALA A 53 -12.33 1.47 9.08
C ALA A 53 -13.39 0.45 9.37
N GLN A 54 -13.63 -0.46 8.44
CA GLN A 54 -14.47 -1.58 8.76
C GLN A 54 -14.19 -2.81 7.95
N MET A 55 -14.53 -3.93 8.56
CA MET A 55 -14.44 -5.24 7.97
C MET A 55 -15.68 -5.38 7.11
N VAL A 56 -15.44 -5.90 5.92
CA VAL A 56 -16.40 -6.00 4.84
C VAL A 56 -16.55 -7.44 4.30
N LYS A 57 -15.53 -8.28 4.53
CA LYS A 57 -15.53 -9.64 4.06
C LYS A 57 -14.40 -10.44 4.68
N THR A 58 -14.66 -11.71 5.06
CA THR A 58 -13.61 -12.65 5.53
C THR A 58 -13.80 -13.90 4.74
N TYR A 59 -12.71 -14.63 4.58
CA TYR A 59 -12.76 -15.97 4.02
C TYR A 59 -12.45 -17.03 5.06
N TYR A 60 -12.39 -16.63 6.33
CA TYR A 60 -12.11 -17.54 7.42
C TYR A 60 -13.27 -17.57 8.43
N TYR A 61 -13.07 -18.19 9.59
CA TYR A 61 -14.15 -18.30 10.60
C TYR A 61 -14.47 -16.99 11.23
N SER A 62 -13.49 -16.09 11.30
CA SER A 62 -13.66 -14.78 11.93
C SER A 62 -13.18 -13.69 11.00
N SER A 63 -13.69 -12.49 11.19
CA SER A 63 -13.29 -11.37 10.38
C SER A 63 -12.17 -10.60 11.04
N ARG A 64 -11.83 -11.05 12.24
CA ARG A 64 -10.82 -10.44 13.07
C ARG A 64 -9.37 -10.65 12.60
N ASP A 65 -8.55 -9.63 12.84
CA ASP A 65 -7.12 -9.69 12.49
C ASP A 65 -6.41 -10.23 13.71
N GLY A 66 -6.06 -11.52 13.67
CA GLY A 66 -5.34 -12.16 14.74
C GLY A 66 -3.87 -12.21 14.37
N ASN A 67 -3.51 -11.54 13.28
CA ASN A 67 -2.11 -11.51 12.85
C ASN A 67 -1.44 -10.16 13.18
N GLY A 68 -2.02 -9.06 12.69
CA GLY A 68 -1.47 -7.74 12.93
C GLY A 68 -0.97 -7.04 11.66
N HIS A 69 -0.50 -7.80 10.69
CA HIS A 69 0.05 -7.25 9.45
C HIS A 69 -0.94 -6.35 8.72
N GLY A 70 -2.16 -6.83 8.58
CA GLY A 70 -3.25 -6.11 7.98
C GLY A 70 -3.60 -4.80 8.66
N THR A 71 -3.65 -4.84 9.99
CA THR A 71 -3.89 -3.63 10.78
C THR A 71 -2.71 -2.72 10.52
N HIS A 72 -1.50 -3.30 10.52
CA HIS A 72 -0.27 -2.50 10.23
C HIS A 72 -0.42 -1.79 8.89
N CYS A 73 -0.74 -2.52 7.83
CA CYS A 73 -0.81 -1.87 6.53
C CYS A 73 -1.98 -0.86 6.37
N ALA A 74 -3.12 -1.17 6.95
CA ALA A 74 -4.24 -0.25 6.91
C ALA A 74 -3.79 1.02 7.54
N GLY A 75 -3.02 0.93 8.63
CA GLY A 75 -2.59 2.10 9.38
C GLY A 75 -1.73 3.04 8.54
N THR A 76 -0.82 2.48 7.73
CA THR A 76 0.03 3.27 6.89
C THR A 76 -0.81 3.92 5.78
N VAL A 77 -1.84 3.23 5.33
CA VAL A 77 -2.70 3.83 4.35
C VAL A 77 -3.44 5.02 4.97
N GLY A 78 -4.06 4.83 6.13
CA GLY A 78 -4.93 5.87 6.65
C GLY A 78 -5.21 6.04 8.13
N SER A 79 -4.32 5.60 9.01
CA SER A 79 -4.55 5.89 10.40
C SER A 79 -4.23 7.37 10.60
N ARG A 80 -4.72 7.94 11.67
CA ARG A 80 -4.45 9.32 11.97
C ARG A 80 -2.97 9.70 12.09
N THR A 81 -2.25 8.94 12.91
CA THR A 81 -0.85 9.26 13.17
C THR A 81 0.10 8.64 12.17
N TYR A 82 -0.22 7.47 11.67
CA TYR A 82 0.72 6.74 10.84
C TYR A 82 0.37 6.67 9.38
N GLY A 83 -0.70 7.34 8.98
CA GLY A 83 -1.19 7.19 7.64
C GLY A 83 -0.92 8.33 6.70
N VAL A 84 -0.93 7.96 5.43
CA VAL A 84 -0.67 8.88 4.34
C VAL A 84 -1.94 9.69 4.07
N ALA A 85 -3.06 9.01 4.07
CA ALA A 85 -4.32 9.62 3.70
C ALA A 85 -5.22 9.50 4.88
N LYS A 86 -5.01 10.47 5.76
CA LYS A 86 -5.59 10.53 7.08
C LYS A 86 -7.10 10.56 7.19
N LYS A 87 -7.82 10.86 6.12
CA LYS A 87 -9.29 10.91 6.19
C LYS A 87 -9.97 9.93 5.26
N THR A 88 -9.20 9.00 4.73
CA THR A 88 -9.76 8.01 3.82
C THR A 88 -10.63 6.97 4.55
N GLN A 89 -11.47 6.29 3.80
CA GLN A 89 -12.30 5.22 4.33
C GLN A 89 -11.57 3.87 4.05
N LEU A 90 -11.47 3.01 5.06
CA LEU A 90 -10.77 1.73 4.91
C LEU A 90 -11.74 0.56 4.98
N PHE A 91 -11.62 -0.37 4.03
CA PHE A 91 -12.44 -1.55 4.01
C PHE A 91 -11.51 -2.76 4.08
N GLY A 92 -11.74 -3.65 5.00
CA GLY A 92 -10.87 -4.78 5.18
C GLY A 92 -11.48 -6.00 4.55
N VAL A 93 -10.62 -6.70 3.81
CA VAL A 93 -10.98 -7.94 3.17
C VAL A 93 -9.95 -8.99 3.66
N LYS A 94 -10.40 -9.94 4.49
CA LYS A 94 -9.46 -10.91 5.07
C LYS A 94 -9.30 -12.12 4.13
N VAL A 95 -8.26 -12.10 3.30
CA VAL A 95 -7.96 -13.23 2.46
C VAL A 95 -6.83 -14.10 3.05
N LEU A 96 -6.15 -13.57 4.08
CA LEU A 96 -5.04 -14.24 4.75
C LEU A 96 -5.47 -14.67 6.14
N ASP A 97 -4.97 -15.82 6.53
CA ASP A 97 -5.27 -16.31 7.86
C ASP A 97 -4.35 -15.67 8.91
N ASP A 98 -4.66 -15.89 10.20
CA ASP A 98 -3.90 -15.29 11.30
C ASP A 98 -2.42 -15.64 11.30
N ASN A 99 -2.03 -16.62 10.50
CA ASN A 99 -0.60 -16.92 10.35
C ASN A 99 -0.02 -16.16 9.17
N GLY A 100 -0.87 -15.40 8.47
CA GLY A 100 -0.41 -14.65 7.32
C GLY A 100 -0.41 -15.40 5.99
N SER A 101 -0.99 -16.60 5.92
CA SER A 101 -1.06 -17.33 4.65
C SER A 101 -2.46 -17.44 4.15
N GLY A 102 -2.58 -17.79 2.88
CA GLY A 102 -3.88 -17.95 2.26
C GLY A 102 -3.65 -18.69 0.96
N GLN A 103 -4.70 -19.30 0.41
CA GLN A 103 -4.62 -19.99 -0.87
C GLN A 103 -4.83 -18.98 -2.01
N TYR A 104 -4.25 -19.30 -3.16
CA TYR A 104 -4.40 -18.48 -4.34
C TYR A 104 -5.85 -18.28 -4.74
N SER A 105 -6.65 -19.35 -4.72
CA SER A 105 -8.09 -19.20 -5.02
C SER A 105 -8.83 -18.27 -4.06
N THR A 106 -8.47 -18.20 -2.77
CA THR A 106 -9.22 -17.27 -1.92
C THR A 106 -8.67 -15.85 -2.11
N ILE A 107 -7.38 -15.72 -2.42
CA ILE A 107 -6.90 -14.39 -2.65
C ILE A 107 -7.56 -13.91 -4.03
N ILE A 108 -7.69 -14.78 -5.05
CA ILE A 108 -8.36 -14.40 -6.28
C ILE A 108 -9.81 -14.01 -5.99
N ALA A 109 -10.48 -14.81 -5.18
CA ALA A 109 -11.85 -14.48 -4.81
C ALA A 109 -11.99 -13.13 -4.10
N GLY A 110 -11.01 -12.76 -3.26
CA GLY A 110 -11.09 -11.51 -2.56
C GLY A 110 -10.95 -10.35 -3.55
N MET A 111 -10.16 -10.53 -4.59
CA MET A 111 -10.01 -9.47 -5.58
C MET A 111 -11.29 -9.28 -6.40
N ASP A 112 -11.90 -10.39 -6.81
CA ASP A 112 -13.15 -10.34 -7.55
C ASP A 112 -14.21 -9.69 -6.66
N PHE A 113 -14.14 -9.97 -5.37
CA PHE A 113 -15.14 -9.46 -4.46
C PHE A 113 -15.08 -7.94 -4.42
N VAL A 114 -13.89 -7.37 -4.25
CA VAL A 114 -13.72 -5.93 -4.27
C VAL A 114 -14.23 -5.27 -5.57
N ALA A 115 -13.95 -5.89 -6.71
CA ALA A 115 -14.39 -5.33 -8.00
C ALA A 115 -15.89 -5.11 -8.00
N SER A 116 -16.63 -6.06 -7.41
CA SER A 116 -18.08 -5.97 -7.31
C SER A 116 -18.56 -5.07 -6.17
N ASP A 117 -18.01 -5.30 -4.98
CA ASP A 117 -18.42 -4.59 -3.75
C ASP A 117 -18.31 -3.05 -3.83
N LYS A 118 -17.31 -2.59 -4.56
CA LYS A 118 -17.07 -1.19 -4.70
C LYS A 118 -18.31 -0.53 -5.31
N ASN A 119 -19.10 -1.28 -6.07
CA ASN A 119 -20.28 -0.71 -6.69
C ASN A 119 -21.38 -0.36 -5.68
N ASN A 120 -21.29 -0.84 -4.45
CA ASN A 120 -22.33 -0.45 -3.51
C ASN A 120 -21.81 0.41 -2.34
N ARG A 121 -20.66 1.02 -2.59
CA ARG A 121 -20.02 1.89 -1.65
C ARG A 121 -20.06 3.28 -2.25
N ASN A 122 -20.07 4.27 -1.40
CA ASN A 122 -20.09 5.64 -1.86
C ASN A 122 -18.66 6.17 -1.65
N CYS A 123 -17.93 6.22 -2.74
CA CYS A 123 -16.55 6.60 -2.77
C CYS A 123 -16.44 7.64 -3.86
N PRO A 124 -16.90 8.86 -3.63
CA PRO A 124 -16.97 9.85 -4.70
C PRO A 124 -15.61 10.09 -5.38
N LYS A 125 -14.52 10.13 -4.64
CA LYS A 125 -13.17 10.31 -5.21
C LYS A 125 -12.42 9.11 -5.78
N GLY A 126 -13.00 7.93 -5.80
CA GLY A 126 -12.23 6.81 -6.30
C GLY A 126 -11.92 5.69 -5.30
N VAL A 127 -11.48 4.58 -5.86
CA VAL A 127 -11.27 3.38 -5.09
C VAL A 127 -9.89 2.83 -5.36
N VAL A 128 -9.23 2.45 -4.28
CA VAL A 128 -7.88 1.90 -4.32
C VAL A 128 -7.94 0.53 -3.64
N ALA A 129 -7.08 -0.41 -4.06
CA ALA A 129 -6.96 -1.69 -3.39
C ALA A 129 -5.46 -1.85 -3.08
N SER A 130 -5.14 -2.28 -1.88
CA SER A 130 -3.75 -2.42 -1.44
C SER A 130 -3.51 -3.91 -1.09
N LEU A 131 -2.56 -4.50 -1.80
CA LEU A 131 -2.22 -5.92 -1.66
C LEU A 131 -0.78 -6.15 -1.27
N SER A 132 -0.55 -6.23 0.05
CA SER A 132 0.78 -6.46 0.63
C SER A 132 0.95 -7.96 0.79
N LEU A 133 1.04 -8.64 -0.33
CA LEU A 133 1.12 -10.07 -0.36
C LEU A 133 1.58 -10.47 -1.75
N GLY A 134 1.91 -11.74 -1.87
CA GLY A 134 2.32 -12.26 -3.15
C GLY A 134 2.93 -13.62 -2.91
N GLY A 135 3.28 -14.31 -3.97
CA GLY A 135 3.91 -15.61 -3.86
C GLY A 135 4.45 -15.91 -5.24
N GLY A 136 4.73 -17.18 -5.50
CA GLY A 136 5.27 -17.58 -6.79
C GLY A 136 4.32 -17.23 -7.94
N TYR A 137 4.92 -17.14 -9.11
CA TYR A 137 4.22 -16.80 -10.30
C TYR A 137 2.96 -17.64 -10.49
N SER A 138 1.85 -16.97 -10.78
CA SER A 138 0.62 -17.63 -11.06
C SER A 138 -0.07 -16.77 -12.11
N SER A 139 -0.44 -17.36 -13.25
CA SER A 139 -1.05 -16.53 -14.27
C SER A 139 -2.51 -16.18 -13.86
N SER A 140 -3.12 -17.04 -13.06
CA SER A 140 -4.49 -16.78 -12.56
C SER A 140 -4.57 -15.65 -11.54
N VAL A 141 -3.53 -15.49 -10.73
CA VAL A 141 -3.49 -14.45 -9.72
C VAL A 141 -3.23 -13.13 -10.47
N ASN A 142 -2.28 -13.16 -11.39
CA ASN A 142 -1.94 -11.99 -12.18
C ASN A 142 -3.21 -11.50 -12.84
N SER A 143 -3.92 -12.47 -13.38
CA SER A 143 -5.16 -12.23 -14.07
C SER A 143 -6.25 -11.60 -13.15
N ALA A 144 -6.43 -12.07 -11.93
CA ALA A 144 -7.41 -11.46 -11.02
C ALA A 144 -6.98 -10.01 -10.74
N ALA A 145 -5.68 -9.76 -10.62
CA ALA A 145 -5.26 -8.39 -10.34
C ALA A 145 -5.57 -7.48 -11.52
N ALA A 146 -5.40 -7.98 -12.74
CA ALA A 146 -5.63 -7.17 -13.93
C ALA A 146 -7.12 -6.83 -14.09
N ARG A 147 -7.98 -7.79 -13.78
CA ARG A 147 -9.42 -7.57 -13.79
C ARG A 147 -9.84 -6.48 -12.80
N LEU A 148 -9.29 -6.55 -11.58
CA LEU A 148 -9.60 -5.56 -10.54
C LEU A 148 -9.20 -4.19 -11.06
N GLN A 149 -8.02 -4.09 -11.65
CA GLN A 149 -7.50 -2.82 -12.14
C GLN A 149 -8.45 -2.30 -13.22
N SER A 150 -8.80 -3.15 -14.19
CA SER A 150 -9.66 -2.71 -15.26
C SER A 150 -11.09 -2.36 -14.80
N SER A 151 -11.57 -2.99 -13.75
CA SER A 151 -12.89 -2.66 -13.24
C SER A 151 -12.93 -1.21 -12.71
N GLY A 152 -11.76 -0.56 -12.60
CA GLY A 152 -11.68 0.82 -12.17
C GLY A 152 -11.16 1.06 -10.74
N VAL A 153 -10.34 0.15 -10.25
CA VAL A 153 -9.79 0.28 -8.92
C VAL A 153 -8.29 0.45 -9.12
N MET A 154 -7.65 1.35 -8.36
CA MET A 154 -6.22 1.51 -8.43
C MET A 154 -5.58 0.37 -7.62
N VAL A 155 -4.95 -0.58 -8.27
CA VAL A 155 -4.32 -1.71 -7.59
C VAL A 155 -2.83 -1.46 -7.34
N ALA A 156 -2.44 -1.47 -6.05
CA ALA A 156 -1.06 -1.34 -5.61
C ALA A 156 -0.64 -2.70 -4.97
N VAL A 157 0.43 -3.33 -5.47
CA VAL A 157 0.85 -4.65 -4.96
C VAL A 157 2.32 -4.70 -4.62
N ALA A 158 2.68 -5.56 -3.67
CA ALA A 158 4.06 -5.64 -3.18
C ALA A 158 4.96 -6.30 -4.20
N ALA A 159 6.22 -5.86 -4.23
CA ALA A 159 7.20 -6.43 -5.13
C ALA A 159 7.58 -7.77 -4.57
N GLY A 160 7.69 -7.86 -3.26
CA GLY A 160 7.94 -9.12 -2.59
C GLY A 160 9.33 -9.05 -2.05
N ASN A 161 9.53 -9.77 -0.97
CA ASN A 161 10.84 -9.81 -0.31
C ASN A 161 11.88 -10.87 -0.57
N ASN A 162 12.34 -11.14 -1.78
CA ASN A 162 13.30 -12.21 -1.92
C ASN A 162 14.63 -11.66 -2.50
N ASN A 163 14.75 -10.35 -2.58
CA ASN A 163 15.92 -9.75 -3.19
C ASN A 163 16.10 -10.47 -4.56
N ALA A 164 15.00 -10.59 -5.31
CA ALA A 164 15.04 -11.25 -6.61
C ALA A 164 14.28 -10.47 -7.67
N ASP A 165 14.30 -10.93 -8.90
CA ASP A 165 13.55 -10.22 -9.91
C ASP A 165 12.07 -10.51 -9.69
N ALA A 166 11.26 -9.46 -9.51
CA ALA A 166 9.83 -9.60 -9.25
C ALA A 166 9.04 -10.34 -10.35
N ARG A 167 9.70 -10.66 -11.46
CA ARG A 167 9.00 -11.35 -12.57
C ARG A 167 8.46 -12.74 -12.27
N ASN A 168 9.00 -13.37 -11.23
CA ASN A 168 8.63 -14.72 -10.87
C ASN A 168 7.69 -14.76 -9.70
N TYR A 169 7.06 -13.62 -9.42
CA TYR A 169 6.18 -13.45 -8.23
C TYR A 169 4.87 -12.90 -8.72
N SER A 170 3.78 -13.30 -8.08
CA SER A 170 2.46 -12.85 -8.48
C SER A 170 1.74 -12.31 -7.26
N PRO A 171 0.94 -11.25 -7.31
CA PRO A 171 0.53 -10.39 -8.44
C PRO A 171 1.57 -9.39 -8.95
N ALA A 172 2.70 -9.36 -8.28
CA ALA A 172 3.78 -8.44 -8.59
C ALA A 172 4.15 -8.35 -10.09
N SER A 173 4.12 -9.47 -10.81
CA SER A 173 4.50 -9.49 -12.22
C SER A 173 3.40 -9.11 -13.19
N GLU A 174 2.20 -8.76 -12.68
CA GLU A 174 1.12 -8.30 -13.56
C GLU A 174 1.46 -6.86 -13.93
N PRO A 175 1.80 -6.62 -15.19
CA PRO A 175 2.19 -5.29 -15.62
C PRO A 175 1.16 -4.21 -15.44
N SER A 176 -0.11 -4.54 -15.62
CA SER A 176 -1.18 -3.52 -15.55
C SER A 176 -1.42 -2.91 -14.15
N VAL A 177 -0.89 -3.53 -13.09
CA VAL A 177 -1.08 -3.01 -11.72
C VAL A 177 0.12 -2.16 -11.34
N CYS A 178 0.22 -1.72 -10.08
CA CYS A 178 1.33 -0.86 -9.66
C CYS A 178 2.23 -1.62 -8.66
N THR A 179 3.35 -2.14 -9.14
CA THR A 179 4.27 -2.92 -8.33
C THR A 179 5.25 -2.01 -7.62
N VAL A 180 5.26 -2.14 -6.31
CA VAL A 180 5.98 -1.27 -5.37
C VAL A 180 7.19 -1.95 -4.72
N GLY A 181 8.37 -1.36 -4.94
CA GLY A 181 9.56 -1.81 -4.26
C GLY A 181 9.73 -1.07 -2.94
N ALA A 182 10.70 -1.46 -2.11
CA ALA A 182 10.89 -0.84 -0.80
C ALA A 182 12.23 -0.12 -0.71
N SER A 183 12.30 0.97 0.06
CA SER A 183 13.56 1.64 0.34
C SER A 183 13.66 1.85 1.84
N ASP A 184 14.83 2.28 2.25
CA ASP A 184 15.11 2.55 3.65
C ASP A 184 15.38 4.02 3.84
N ARG A 185 15.65 4.40 5.09
CA ARG A 185 15.71 5.81 5.44
C ARG A 185 16.91 6.58 4.95
N TYR A 186 17.88 5.87 4.36
CA TYR A 186 19.05 6.47 3.72
C TYR A 186 18.93 6.52 2.21
N ASP A 187 17.74 6.18 1.70
CA ASP A 187 17.49 6.24 0.27
C ASP A 187 18.20 5.09 -0.46
N ARG A 188 18.41 4.00 0.25
CA ARG A 188 18.90 2.79 -0.37
C ARG A 188 17.76 1.85 -0.62
N ARG A 189 17.89 1.04 -1.64
CA ARG A 189 16.90 -0.01 -1.85
C ARG A 189 16.93 -0.93 -0.64
N SER A 190 15.77 -1.31 -0.12
CA SER A 190 15.71 -2.19 1.03
C SER A 190 16.43 -3.50 0.64
N SER A 191 17.19 -4.07 1.56
CA SER A 191 18.06 -5.19 1.20
C SER A 191 17.27 -6.41 0.78
N PHE A 192 16.05 -6.52 1.27
CA PHE A 192 15.18 -7.63 0.94
C PHE A 192 14.29 -7.38 -0.26
N SER A 193 14.25 -6.15 -0.75
CA SER A 193 13.30 -5.81 -1.81
C SER A 193 13.55 -6.49 -3.15
N ASN A 194 12.48 -7.00 -3.76
CA ASN A 194 12.59 -7.56 -5.10
C ASN A 194 12.84 -6.37 -6.04
N TYR A 195 13.33 -6.62 -7.25
CA TYR A 195 13.55 -5.53 -8.20
C TYR A 195 13.19 -6.07 -9.56
N GLY A 196 13.59 -5.39 -10.60
CA GLY A 196 13.24 -5.83 -11.94
C GLY A 196 12.52 -4.78 -12.74
N SER A 197 12.33 -5.08 -14.02
CA SER A 197 11.73 -4.14 -14.95
C SER A 197 10.24 -3.97 -14.71
N VAL A 198 9.65 -4.92 -13.98
CA VAL A 198 8.21 -4.85 -13.72
C VAL A 198 7.87 -3.86 -12.57
N LEU A 199 8.83 -3.44 -11.74
CA LEU A 199 8.50 -2.48 -10.66
C LEU A 199 8.10 -1.14 -11.27
N ASP A 200 7.14 -0.45 -10.66
CA ASP A 200 6.72 0.88 -11.13
C ASP A 200 7.25 2.02 -10.27
N ILE A 201 7.55 1.70 -9.03
CA ILE A 201 7.87 2.72 -8.05
C ILE A 201 8.35 2.12 -6.75
N PHE A 202 9.02 2.96 -5.97
CA PHE A 202 9.50 2.57 -4.65
C PHE A 202 8.79 3.42 -3.58
N GLY A 203 8.59 2.87 -2.38
CA GLY A 203 8.09 3.65 -1.26
C GLY A 203 8.89 3.18 -0.05
N PRO A 204 8.81 3.93 1.05
CA PRO A 204 9.44 3.53 2.31
C PRO A 204 8.98 2.16 2.82
N GLY A 205 9.93 1.26 3.05
CA GLY A 205 9.57 -0.09 3.50
C GLY A 205 10.39 -0.66 4.65
N THR A 206 11.44 0.02 5.08
CA THR A 206 12.28 -0.48 6.16
C THR A 206 11.96 0.24 7.45
N SER A 207 11.62 -0.57 8.45
CA SER A 207 11.29 -0.15 9.80
C SER A 207 10.25 1.00 9.81
N ILE A 208 9.06 0.60 9.41
CA ILE A 208 7.90 1.43 9.32
C ILE A 208 7.02 1.29 10.57
N LEU A 209 6.84 2.40 11.30
CA LEU A 209 6.00 2.43 12.48
C LEU A 209 4.53 2.57 12.08
N SER A 210 3.68 1.71 12.60
CA SER A 210 2.27 1.81 12.30
C SER A 210 1.43 1.09 13.36
N THR A 211 0.13 1.01 13.16
CA THR A 211 -0.76 0.38 14.10
C THR A 211 -0.57 -1.13 14.17
N TRP A 212 -0.90 -1.70 15.32
CA TRP A 212 -0.81 -3.14 15.54
C TRP A 212 -2.06 -3.59 16.31
N ILE A 213 -2.32 -4.89 16.34
CA ILE A 213 -3.50 -5.42 17.02
C ILE A 213 -3.34 -5.24 18.51
N GLY A 214 -4.48 -5.28 19.20
CA GLY A 214 -4.45 -4.99 20.61
C GLY A 214 -4.32 -3.50 20.90
N GLY A 215 -4.73 -2.64 19.98
CA GLY A 215 -4.64 -1.19 20.21
C GLY A 215 -3.23 -0.68 20.41
N SER A 216 -2.23 -1.33 19.83
CA SER A 216 -0.83 -0.89 19.98
C SER A 216 -0.19 -0.43 18.66
N THR A 217 1.13 -0.37 18.63
CA THR A 217 1.87 0.03 17.45
C THR A 217 3.12 -0.80 17.34
N ARG A 218 3.69 -0.87 16.15
CA ARG A 218 4.87 -1.67 15.95
C ARG A 218 5.54 -1.27 14.65
N SER A 219 6.86 -1.33 14.60
CA SER A 219 7.58 -1.02 13.37
C SER A 219 8.10 -2.30 12.77
N ILE A 220 7.67 -2.59 11.56
CA ILE A 220 8.15 -3.75 10.87
C ILE A 220 8.73 -3.30 9.50
N SER A 221 9.39 -4.21 8.83
CA SER A 221 10.04 -3.95 7.55
C SER A 221 9.55 -4.85 6.50
N GLY A 222 9.42 -4.35 5.29
CA GLY A 222 9.00 -5.23 4.23
C GLY A 222 8.49 -4.38 3.13
N THR A 223 8.60 -4.85 1.90
CA THR A 223 8.01 -4.13 0.79
C THR A 223 6.50 -4.10 0.98
N SER A 224 5.97 -5.12 1.64
CA SER A 224 4.59 -5.12 2.09
C SER A 224 4.27 -3.83 2.78
N MET A 225 5.26 -3.27 3.46
CA MET A 225 5.08 -1.99 4.18
C MET A 225 5.12 -0.78 3.22
N ALA A 226 5.81 -0.94 2.11
CA ALA A 226 5.91 0.15 1.12
C ALA A 226 4.59 0.34 0.38
N THR A 227 3.97 -0.79 0.05
CA THR A 227 2.72 -0.82 -0.71
C THR A 227 1.62 0.14 -0.24
N PRO A 228 1.28 0.11 1.04
CA PRO A 228 0.24 0.98 1.57
C PRO A 228 0.62 2.46 1.47
N HIS A 229 1.92 2.78 1.40
CA HIS A 229 2.31 4.16 1.28
C HIS A 229 1.87 4.67 -0.09
N VAL A 230 2.07 3.84 -1.10
CA VAL A 230 1.69 4.22 -2.45
C VAL A 230 0.15 4.16 -2.60
N ALA A 231 -0.49 3.16 -2.00
CA ALA A 231 -1.96 3.09 -2.04
C ALA A 231 -2.59 4.32 -1.40
N GLY A 232 -2.10 4.71 -0.23
CA GLY A 232 -2.52 5.94 0.43
C GLY A 232 -2.25 7.17 -0.39
N LEU A 233 -1.08 7.27 -1.01
CA LEU A 233 -0.72 8.44 -1.85
C LEU A 233 -1.69 8.53 -3.04
N ALA A 234 -1.99 7.38 -3.63
CA ALA A 234 -2.94 7.33 -4.73
C ALA A 234 -4.28 7.87 -4.26
N ALA A 235 -4.77 7.39 -3.11
CA ALA A 235 -6.07 7.84 -2.60
C ALA A 235 -6.05 9.33 -2.38
N TYR A 236 -4.92 9.82 -1.85
CA TYR A 236 -4.73 11.26 -1.60
C TYR A 236 -4.80 12.12 -2.86
N LEU A 237 -4.14 11.66 -3.91
CA LEU A 237 -4.08 12.39 -5.16
C LEU A 237 -5.39 12.34 -5.96
N MET A 238 -6.14 11.24 -5.82
CA MET A 238 -7.44 11.10 -6.44
C MET A 238 -8.40 12.06 -5.77
N THR A 239 -8.39 12.17 -4.44
CA THR A 239 -9.34 13.11 -3.86
C THR A 239 -8.93 14.55 -4.23
N LEU A 240 -7.64 14.79 -4.47
CA LEU A 240 -7.17 16.09 -4.94
C LEU A 240 -7.56 16.38 -6.39
N GLY A 241 -8.04 15.38 -7.12
CA GLY A 241 -8.36 15.57 -8.52
C GLY A 241 -7.18 15.50 -9.50
N LYS A 242 -6.01 15.13 -9.02
CA LYS A 242 -4.80 15.03 -9.84
C LYS A 242 -4.76 13.89 -10.87
N THR A 243 -5.38 12.79 -10.50
CA THR A 243 -5.30 11.61 -11.33
C THR A 243 -6.53 10.74 -11.11
N THR A 244 -6.60 9.61 -11.80
CA THR A 244 -7.71 8.68 -11.71
C THR A 244 -7.14 7.35 -11.35
N ALA A 245 -8.02 6.39 -11.06
CA ALA A 245 -7.62 5.03 -10.67
C ALA A 245 -6.75 4.41 -11.76
N ALA A 246 -7.19 4.61 -12.99
CA ALA A 246 -6.56 4.07 -14.18
C ALA A 246 -5.19 4.64 -14.48
N SER A 247 -4.96 5.88 -14.13
CA SER A 247 -3.71 6.50 -14.50
C SER A 247 -2.89 6.87 -13.26
N ALA A 248 -3.41 6.52 -12.07
CA ALA A 248 -2.72 6.92 -10.82
C ALA A 248 -1.28 6.38 -10.77
N CYS A 249 -1.05 5.11 -11.13
CA CYS A 249 0.30 4.58 -11.06
C CYS A 249 1.30 5.36 -11.91
N ARG A 250 0.95 5.59 -13.16
CA ARG A 250 1.79 6.35 -14.10
C ARG A 250 1.99 7.78 -13.61
N TYR A 251 0.96 8.38 -13.04
CA TYR A 251 1.06 9.71 -12.52
C TYR A 251 2.07 9.77 -11.33
N ILE A 252 2.04 8.76 -10.43
CA ILE A 252 2.97 8.72 -9.28
C ILE A 252 4.43 8.61 -9.77
N ALA A 253 4.68 7.77 -10.76
CA ALA A 253 5.97 7.58 -11.40
C ALA A 253 6.47 8.85 -12.12
N ASP A 254 5.57 9.55 -12.82
CA ASP A 254 5.87 10.80 -13.50
C ASP A 254 6.30 11.87 -12.52
N THR A 255 5.69 11.91 -11.33
CA THR A 255 5.97 12.97 -10.38
C THR A 255 6.87 12.55 -9.26
N ALA A 256 7.42 11.34 -9.39
CA ALA A 256 8.32 10.79 -8.36
C ALA A 256 9.63 11.58 -8.20
N ASN A 257 10.35 11.29 -7.12
CA ASN A 257 11.71 11.80 -6.97
C ASN A 257 12.50 10.84 -7.82
N LYS A 258 13.27 11.36 -8.76
CA LYS A 258 14.01 10.48 -9.66
C LYS A 258 15.50 10.42 -9.35
N GLY A 259 16.09 9.23 -9.46
CA GLY A 259 17.52 9.07 -9.30
C GLY A 259 18.06 9.20 -7.89
N ASP A 260 17.18 9.31 -6.89
CA ASP A 260 17.59 9.43 -5.48
C ASP A 260 18.01 8.14 -4.78
N LEU A 261 17.54 7.00 -5.28
CA LEU A 261 17.79 5.74 -4.58
C LEU A 261 19.12 5.17 -4.98
N SER A 262 19.74 4.45 -4.06
CA SER A 262 20.97 3.80 -4.35
C SER A 262 20.74 2.28 -4.24
N ASN A 263 21.64 1.49 -4.82
CA ASN A 263 21.52 0.03 -4.88
C ASN A 263 20.37 -0.45 -5.83
N ILE A 264 20.05 0.36 -6.83
CA ILE A 264 19.07 0.01 -7.85
C ILE A 264 19.82 -0.62 -9.01
N PRO A 265 19.54 -1.89 -9.30
CA PRO A 265 20.23 -2.60 -10.38
C PRO A 265 19.85 -2.01 -11.73
N PHE A 266 20.73 -2.09 -12.73
CA PHE A 266 20.38 -1.57 -14.06
C PHE A 266 19.11 -2.31 -14.54
N GLY A 267 18.14 -1.58 -15.08
CA GLY A 267 16.89 -2.20 -15.50
C GLY A 267 15.71 -1.87 -14.60
N THR A 268 15.99 -1.54 -13.34
CA THR A 268 14.94 -1.17 -12.39
C THR A 268 14.80 0.35 -12.33
N VAL A 269 13.55 0.84 -12.26
CA VAL A 269 13.30 2.27 -12.13
C VAL A 269 13.87 2.83 -10.82
N ASN A 270 14.34 4.07 -10.88
CA ASN A 270 14.85 4.77 -9.71
C ASN A 270 13.88 5.87 -9.48
N LEU A 271 12.73 5.55 -8.93
CA LEU A 271 11.65 6.49 -8.66
C LEU A 271 11.11 6.22 -7.28
N LEU A 272 10.94 7.27 -6.47
CA LEU A 272 10.45 7.19 -5.08
C LEU A 272 9.19 8.00 -4.96
N ALA A 273 8.12 7.36 -4.48
CA ALA A 273 6.83 8.01 -4.24
C ALA A 273 6.99 9.40 -3.60
N TYR A 274 6.34 10.41 -4.17
CA TYR A 274 6.49 11.80 -3.75
C TYR A 274 5.18 12.58 -3.97
N ASN A 275 4.68 13.24 -2.93
CA ASN A 275 3.38 13.88 -3.02
C ASN A 275 3.38 15.28 -3.64
N ASN A 276 4.55 15.86 -3.84
CA ASN A 276 4.64 17.19 -4.45
C ASN A 276 3.88 18.28 -3.76
N TYR A 277 3.81 18.23 -2.45
CA TYR A 277 3.01 19.21 -1.73
C TYR A 277 3.71 20.58 -1.68
N GLN A 278 2.91 21.64 -1.89
CA GLN A 278 3.33 23.03 -1.82
C GLN A 278 2.29 23.78 -1.02
N ALA A 279 2.70 24.39 0.10
CA ALA A 279 1.78 25.14 0.96
C ALA A 279 1.21 26.33 0.18
N PRO B 1 5.26 -9.87 -1.62
CA PRO B 1 4.88 -8.96 -0.51
C PRO B 1 6.03 -8.39 0.19
N ALA B 2 5.79 -7.45 1.10
CA ALA B 2 6.70 -7.45 2.21
C ALA B 2 6.32 -7.06 3.66
N PRO B 3 6.68 -8.05 4.46
CA PRO B 3 6.21 -8.55 5.77
C PRO B 3 5.30 -7.86 6.76
N PHE B 4 4.97 -8.73 7.73
CA PHE B 4 3.96 -8.54 8.72
C PHE B 4 4.35 -8.96 10.13
N PRO B 5 9.16 -7.29 10.88
CA PRO B 5 10.54 -7.06 11.35
C PRO B 5 10.73 -6.02 12.44
N ALA B 6 11.73 -5.22 12.09
CA ALA B 6 12.09 -4.03 12.81
C ALA B 6 12.18 -2.82 11.90
#